data_6BHI
#
_entry.id   6BHI
#
_cell.length_a   37.849
_cell.length_b   71.718
_cell.length_c   52.690
_cell.angle_alpha   90.000
_cell.angle_beta   104.480
_cell.angle_gamma   90.000
#
_symmetry.space_group_name_H-M   'P 1 21 1'
#
loop_
_entity.id
_entity.type
_entity.pdbx_description
1 polymer 'Histone-lysine N-methyltransferase SETDB1'
2 polymer 'Histone H3.1'
3 non-polymer 'UNKNOWN ATOM OR ION'
4 water water
#
loop_
_entity_poly.entity_id
_entity_poly.type
_entity_poly.pdbx_seq_one_letter_code
_entity_poly.pdbx_strand_id
1 'polypeptide(L)'
;MHHHHHHSSGRENLYFQGGELSKDGDLIVSMRILGKKRTKTWHKGTLIAIQTVGPGKKYKVKFDNKGKSLLSGNHIAYDY
HPPADKLYVGSRVVAKYKDGNQVWLYAGIVAETPNVKNKLRFLIFFDDGYASYVTQSELYPICRPLKKTWEDIEDISCRD
FIEEYVTAYPNRPMVLLKSGQLIKTEAEGTWWKSRVEEVDGSLVRILFLDDKRCEWIYRGSTRLEPMFSMKTSSASALE
;
A
2 'polypeptide(L)' KQTAR(M3L)STGG(ALY)APRKQ B
#
# COMPACT_ATOMS: atom_id res chain seq x y z
N GLY A 19 -3.29 -28.70 -18.69
CA GLY A 19 -2.32 -28.28 -17.60
C GLY A 19 -2.90 -28.15 -16.18
N GLU A 20 -3.87 -28.99 -15.85
CA GLU A 20 -4.64 -28.87 -14.58
C GLU A 20 -3.86 -29.40 -13.33
N LEU A 21 -3.92 -28.65 -12.23
CA LEU A 21 -3.24 -29.05 -10.98
C LEU A 21 -4.20 -28.98 -9.82
N SER A 22 -4.04 -29.89 -8.85
CA SER A 22 -4.83 -29.82 -7.61
C SER A 22 -4.12 -29.04 -6.56
N LYS A 23 -2.80 -28.84 -6.76
CA LYS A 23 -2.03 -28.05 -5.84
C LYS A 23 -0.87 -27.38 -6.56
N ASP A 24 -0.28 -26.43 -5.86
CA ASP A 24 0.94 -25.74 -6.29
C ASP A 24 1.60 -25.33 -5.00
N GLY A 25 2.53 -26.14 -4.47
CA GLY A 25 3.07 -25.89 -3.15
C GLY A 25 1.91 -25.79 -2.15
N ASP A 26 1.87 -24.69 -1.40
CA ASP A 26 0.81 -24.39 -0.42
C ASP A 26 -0.53 -23.88 -0.98
N LEU A 27 -0.64 -23.77 -2.28
CA LEU A 27 -1.93 -23.41 -2.94
C LEU A 27 -2.62 -24.71 -3.37
N ILE A 28 -3.71 -25.00 -2.69
CA ILE A 28 -4.48 -26.27 -2.83
C ILE A 28 -5.89 -25.93 -3.27
N VAL A 29 -6.36 -26.58 -4.33
CA VAL A 29 -7.74 -26.49 -4.75
C VAL A 29 -8.61 -26.85 -3.53
N SER A 30 -9.56 -25.96 -3.28
CA SER A 30 -10.53 -25.96 -2.16
C SER A 30 -10.22 -24.95 -1.03
N MET A 31 -8.99 -24.43 -1.00
CA MET A 31 -8.62 -23.47 0.05
C MET A 31 -9.43 -22.18 -0.04
N ARG A 32 -9.57 -21.55 1.10
CA ARG A 32 -10.06 -20.21 1.18
C ARG A 32 -8.98 -19.25 0.67
N ILE A 33 -9.43 -18.15 0.07
CA ILE A 33 -8.48 -17.23 -0.63
C ILE A 33 -9.12 -15.85 -0.74
N LEU A 34 -8.30 -14.83 -0.98
CA LEU A 34 -8.79 -13.54 -1.46
C LEU A 34 -8.37 -13.40 -2.92
N GLY A 35 -9.24 -12.78 -3.70
CA GLY A 35 -8.96 -12.52 -5.12
C GLY A 35 -9.21 -11.10 -5.49
N LYS A 36 -8.43 -10.62 -6.44
CA LYS A 36 -8.57 -9.26 -6.96
C LYS A 36 -9.58 -9.21 -8.06
N LYS A 37 -10.65 -8.43 -7.86
CA LYS A 37 -11.67 -8.21 -8.88
C LYS A 37 -11.23 -7.10 -9.86
N ARG A 38 -11.94 -7.01 -10.97
CA ARG A 38 -11.61 -6.04 -12.04
C ARG A 38 -11.74 -4.57 -11.54
N THR A 39 -12.52 -4.37 -10.46
CA THR A 39 -12.60 -3.13 -9.69
C THR A 39 -11.33 -2.75 -8.93
N LYS A 40 -10.38 -3.71 -8.85
CA LYS A 40 -9.13 -3.63 -8.10
C LYS A 40 -9.32 -3.75 -6.57
N THR A 41 -10.52 -4.04 -6.11
CA THR A 41 -10.74 -4.36 -4.72
C THR A 41 -10.70 -5.88 -4.60
N TRP A 42 -10.41 -6.34 -3.40
CA TRP A 42 -10.24 -7.78 -3.18
C TRP A 42 -11.34 -8.35 -2.32
N HIS A 43 -11.65 -9.63 -2.61
CA HIS A 43 -12.88 -10.29 -2.09
C HIS A 43 -12.61 -11.72 -1.75
N LYS A 44 -13.34 -12.19 -0.72
CA LYS A 44 -13.17 -13.55 -0.22
C LYS A 44 -13.75 -14.57 -1.17
N GLY A 45 -13.11 -15.72 -1.24
CA GLY A 45 -13.62 -16.79 -2.12
C GLY A 45 -12.87 -18.08 -1.89
N THR A 46 -13.05 -18.99 -2.84
CA THR A 46 -12.48 -20.32 -2.77
C THR A 46 -11.67 -20.54 -4.03
N LEU A 47 -10.52 -21.19 -3.90
CA LEU A 47 -9.74 -21.61 -5.05
C LEU A 47 -10.34 -22.89 -5.63
N ILE A 48 -10.88 -22.83 -6.86
CA ILE A 48 -11.57 -23.97 -7.43
C ILE A 48 -10.79 -24.71 -8.52
N ALA A 49 -9.75 -24.12 -9.06
CA ALA A 49 -8.93 -24.77 -10.08
C ALA A 49 -7.59 -24.09 -10.22
N ILE A 50 -6.60 -24.84 -10.66
CA ILE A 50 -5.26 -24.31 -10.99
C ILE A 50 -4.96 -24.83 -12.39
N GLN A 51 -4.50 -23.96 -13.29
CA GLN A 51 -4.26 -24.34 -14.70
C GLN A 51 -2.94 -23.73 -15.13
N THR A 52 -2.10 -24.50 -15.82
CA THR A 52 -0.96 -23.86 -16.51
C THR A 52 -1.42 -23.34 -17.86
N VAL A 53 -1.21 -22.03 -18.13
CA VAL A 53 -1.63 -21.38 -19.35
C VAL A 53 -0.41 -20.56 -19.81
N GLY A 54 0.15 -20.96 -20.95
CA GLY A 54 1.36 -20.38 -21.48
C GLY A 54 2.47 -20.30 -20.47
N PRO A 55 2.94 -19.07 -20.12
CA PRO A 55 4.13 -18.92 -19.29
C PRO A 55 3.92 -19.17 -17.82
N GLY A 56 2.70 -19.35 -17.34
CA GLY A 56 2.57 -19.53 -15.89
C GLY A 56 1.26 -20.16 -15.49
N LYS A 57 1.05 -20.17 -14.22
CA LYS A 57 -0.17 -20.74 -13.66
C LYS A 57 -1.25 -19.67 -13.53
N LYS A 58 -2.48 -20.09 -13.69
CA LYS A 58 -3.66 -19.26 -13.41
C LYS A 58 -4.49 -20.01 -12.36
N TYR A 59 -5.17 -19.22 -11.53
CA TYR A 59 -5.89 -19.65 -10.34
C TYR A 59 -7.31 -19.22 -10.49
N LYS A 60 -8.23 -20.19 -10.49
CA LYS A 60 -9.63 -19.90 -10.69
C LYS A 60 -10.31 -19.74 -9.33
N VAL A 61 -10.88 -18.58 -9.09
CA VAL A 61 -11.48 -18.27 -7.78
C VAL A 61 -12.98 -18.10 -7.94
N LYS A 62 -13.76 -18.80 -7.09
CA LYS A 62 -15.18 -18.56 -6.95
C LYS A 62 -15.44 -17.69 -5.74
N PHE A 63 -15.95 -16.47 -5.97
CA PHE A 63 -16.11 -15.53 -4.89
C PHE A 63 -17.30 -15.89 -4.05
N ASP A 64 -17.23 -15.61 -2.75
CA ASP A 64 -18.36 -15.91 -1.86
C ASP A 64 -19.68 -15.22 -2.21
N ASN A 65 -19.60 -13.93 -2.46
CA ASN A 65 -20.75 -13.12 -2.74
C ASN A 65 -21.20 -13.33 -4.20
N LYS A 66 -20.36 -12.97 -5.15
CA LYS A 66 -20.69 -13.04 -6.58
CA LYS A 66 -20.70 -13.09 -6.58
C LYS A 66 -19.47 -13.19 -7.49
N GLY A 67 -19.61 -13.97 -8.56
CA GLY A 67 -18.63 -14.07 -9.62
C GLY A 67 -17.53 -15.09 -9.49
N LYS A 68 -16.78 -15.21 -10.58
CA LYS A 68 -15.64 -16.10 -10.71
C LYS A 68 -14.60 -15.36 -11.51
N SER A 69 -13.33 -15.58 -11.21
CA SER A 69 -12.25 -14.97 -11.96
C SER A 69 -11.12 -15.96 -12.12
N LEU A 70 -10.40 -15.82 -13.23
CA LEU A 70 -9.17 -16.53 -13.45
C LEU A 70 -8.04 -15.56 -13.26
N LEU A 71 -7.16 -15.84 -12.31
CA LEU A 71 -6.22 -14.87 -11.78
C LEU A 71 -4.79 -15.33 -11.75
N SER A 72 -3.86 -14.42 -12.04
CA SER A 72 -2.47 -14.74 -11.82
CA SER A 72 -2.45 -14.67 -11.81
C SER A 72 -2.15 -14.81 -10.30
N GLY A 73 -1.02 -15.43 -9.96
CA GLY A 73 -0.67 -15.68 -8.58
C GLY A 73 -0.41 -14.42 -7.73
N ASN A 74 -0.11 -13.32 -8.39
CA ASN A 74 0.03 -12.05 -7.70
C ASN A 74 -1.30 -11.32 -7.47
N HIS A 75 -2.39 -11.90 -7.95
CA HIS A 75 -3.71 -11.38 -7.82
C HIS A 75 -4.63 -12.26 -6.94
N ILE A 76 -4.01 -13.12 -6.15
CA ILE A 76 -4.63 -13.83 -5.06
C ILE A 76 -3.82 -13.63 -3.80
N ALA A 77 -4.53 -13.69 -2.65
CA ALA A 77 -3.89 -13.54 -1.35
C ALA A 77 -4.43 -14.59 -0.37
N TYR A 78 -3.61 -15.01 0.58
CA TYR A 78 -4.04 -15.93 1.60
C TYR A 78 -5.08 -15.27 2.51
N ASP A 79 -6.04 -16.07 2.99
CA ASP A 79 -7.06 -15.61 3.96
C ASP A 79 -6.60 -15.92 5.37
N TYR A 80 -5.43 -15.45 5.67
CA TYR A 80 -4.88 -15.48 6.99
C TYR A 80 -3.95 -14.30 7.13
N HIS A 81 -3.66 -13.97 8.36
CA HIS A 81 -2.87 -12.82 8.66
C HIS A 81 -1.50 -13.29 8.86
N PRO A 82 -0.49 -12.48 8.43
CA PRO A 82 0.89 -12.92 8.49
C PRO A 82 1.33 -13.20 9.93
N PRO A 83 2.08 -14.27 10.17
CA PRO A 83 2.77 -14.44 11.47
C PRO A 83 3.69 -13.27 11.88
N ASP A 85 6.69 -11.19 12.02
CA ASP A 85 8.05 -11.13 11.52
C ASP A 85 8.23 -11.85 10.15
N LYS A 86 7.15 -12.37 9.56
CA LYS A 86 7.20 -12.99 8.23
C LYS A 86 7.31 -11.93 7.16
N LEU A 87 6.68 -10.78 7.42
CA LEU A 87 6.63 -9.72 6.41
C LEU A 87 7.81 -8.79 6.61
N TYR A 88 8.19 -8.12 5.55
CA TYR A 88 9.37 -7.21 5.57
C TYR A 88 9.07 -6.00 4.70
N VAL A 89 9.94 -4.99 4.75
CA VAL A 89 9.74 -3.83 3.94
C VAL A 89 9.94 -4.24 2.49
N GLY A 90 8.90 -3.98 1.71
CA GLY A 90 8.78 -4.42 0.32
C GLY A 90 7.81 -5.55 0.11
N SER A 91 7.33 -6.17 1.18
CA SER A 91 6.35 -7.23 1.05
C SER A 91 5.12 -6.77 0.33
N ARG A 92 4.59 -7.62 -0.54
CA ARG A 92 3.40 -7.36 -1.31
C ARG A 92 2.21 -7.93 -0.52
N VAL A 93 1.23 -7.10 -0.20
CA VAL A 93 0.14 -7.43 0.69
C VAL A 93 -1.19 -6.85 0.17
N VAL A 94 -2.26 -7.39 0.72
CA VAL A 94 -3.59 -6.82 0.65
C VAL A 94 -3.84 -6.32 2.07
N ALA A 95 -4.40 -5.12 2.19
CA ALA A 95 -4.72 -4.57 3.51
C ALA A 95 -5.99 -3.83 3.55
N LYS A 96 -6.50 -3.68 4.78
CA LYS A 96 -7.69 -2.87 5.00
C LYS A 96 -7.36 -1.41 4.73
N TYR A 97 -8.02 -0.85 3.72
CA TYR A 97 -7.85 0.56 3.30
C TYR A 97 -9.03 1.28 3.88
N LYS A 98 -8.74 2.09 4.92
CA LYS A 98 -9.75 2.77 5.70
C LYS A 98 -9.47 4.22 5.49
N ASP A 99 -10.44 4.88 4.89
CA ASP A 99 -10.40 6.32 4.69
C ASP A 99 -11.78 6.83 5.14
N GLY A 100 -11.79 7.48 6.32
CA GLY A 100 -13.03 7.85 6.98
C GLY A 100 -13.84 6.63 7.40
N ASN A 101 -15.12 6.59 7.00
CA ASN A 101 -16.03 5.48 7.30
C ASN A 101 -16.20 4.48 6.14
N GLN A 102 -15.32 4.57 5.13
CA GLN A 102 -15.31 3.65 3.99
C GLN A 102 -14.18 2.67 4.22
N VAL A 103 -14.40 1.40 3.93
CA VAL A 103 -13.33 0.40 4.05
C VAL A 103 -13.35 -0.54 2.80
N TRP A 104 -12.15 -0.86 2.27
CA TRP A 104 -11.99 -1.82 1.19
C TRP A 104 -10.77 -2.65 1.51
N LEU A 105 -10.67 -3.82 0.87
CA LEU A 105 -9.43 -4.56 0.83
C LEU A 105 -8.71 -4.19 -0.45
N TYR A 106 -7.46 -3.73 -0.32
CA TYR A 106 -6.77 -3.14 -1.48
C TYR A 106 -5.30 -3.52 -1.38
N ALA A 107 -4.64 -3.61 -2.52
CA ALA A 107 -3.21 -4.03 -2.56
C ALA A 107 -2.25 -2.89 -2.23
N GLY A 108 -1.11 -3.28 -1.66
CA GLY A 108 -0.04 -2.38 -1.36
C GLY A 108 1.27 -3.03 -1.03
N ILE A 109 2.17 -2.25 -0.46
CA ILE A 109 3.50 -2.63 -0.09
C ILE A 109 3.74 -2.29 1.36
N VAL A 110 4.33 -3.22 2.08
CA VAL A 110 4.77 -2.95 3.46
C VAL A 110 5.96 -1.96 3.43
N ALA A 111 5.75 -0.79 4.02
CA ALA A 111 6.79 0.27 4.05
C ALA A 111 7.51 0.31 5.37
N GLU A 112 6.91 -0.27 6.42
CA GLU A 112 7.52 -0.22 7.78
C GLU A 112 6.88 -1.35 8.53
N THR A 113 7.69 -2.07 9.32
CA THR A 113 7.20 -3.17 10.15
C THR A 113 7.00 -2.70 11.58
N PRO A 114 6.32 -3.49 12.40
CA PRO A 114 6.03 -3.05 13.78
C PRO A 114 7.22 -2.72 14.62
N ASN A 115 7.18 -1.57 15.29
CA ASN A 115 8.26 -1.13 16.16
C ASN A 115 7.74 -0.20 17.25
N VAL A 116 8.66 0.27 18.11
CA VAL A 116 8.32 1.20 19.18
C VAL A 116 7.71 2.49 18.64
N LYS A 117 8.48 3.18 17.79
CA LYS A 117 8.04 4.47 17.21
C LYS A 117 6.61 4.39 16.58
N ASN A 118 6.22 3.23 16.00
CA ASN A 118 4.88 3.09 15.34
C ASN A 118 3.83 2.36 16.10
N LYS A 119 4.11 2.11 17.37
CA LYS A 119 3.15 1.40 18.21
C LYS A 119 2.73 0.01 17.65
N LEU A 120 3.72 -0.67 17.10
CA LEU A 120 3.57 -2.04 16.61
C LEU A 120 2.56 -2.25 15.49
N ARG A 121 2.58 -1.30 14.54
CA ARG A 121 1.75 -1.37 13.35
C ARG A 121 2.59 -1.55 12.09
N PHE A 122 1.90 -1.86 11.00
CA PHE A 122 2.53 -1.91 9.66
C PHE A 122 2.15 -0.65 8.87
N LEU A 123 3.17 0.04 8.29
CA LEU A 123 2.86 1.16 7.38
C LEU A 123 2.68 0.56 6.00
N ILE A 124 1.55 0.82 5.40
CA ILE A 124 1.21 0.37 4.04
C ILE A 124 1.19 1.54 3.08
N PHE A 125 1.92 1.37 1.97
CA PHE A 125 1.81 2.26 0.81
C PHE A 125 0.97 1.50 -0.24
N PHE A 126 -0.29 1.94 -0.39
CA PHE A 126 -1.21 1.28 -1.30
C PHE A 126 -0.94 1.62 -2.74
N ASP A 127 -1.49 0.80 -3.63
CA ASP A 127 -1.20 0.90 -5.06
C ASP A 127 -1.65 2.20 -5.71
N ASP A 128 -2.58 2.92 -5.07
CA ASP A 128 -3.05 4.21 -5.61
C ASP A 128 -2.33 5.41 -5.06
N GLY A 129 -1.42 5.18 -4.12
CA GLY A 129 -0.66 6.22 -3.46
C GLY A 129 -1.05 6.52 -2.04
N TYR A 130 -2.14 5.92 -1.56
CA TYR A 130 -2.57 6.13 -0.16
C TYR A 130 -1.59 5.55 0.81
N ALA A 131 -1.54 6.10 2.01
CA ALA A 131 -0.73 5.59 3.10
C ALA A 131 -1.52 5.50 4.37
N SER A 132 -1.31 4.40 5.10
CA SER A 132 -1.86 4.29 6.46
CA SER A 132 -1.95 4.21 6.40
C SER A 132 -1.16 3.21 7.23
N TYR A 133 -1.24 3.34 8.56
CA TYR A 133 -0.88 2.28 9.44
C TYR A 133 -2.04 1.33 9.63
N VAL A 134 -1.74 0.04 9.65
CA VAL A 134 -2.72 -1.06 9.89
C VAL A 134 -2.18 -2.01 10.93
N THR A 135 -3.09 -2.80 11.55
CA THR A 135 -2.67 -3.80 12.49
C THR A 135 -2.33 -5.13 11.83
N GLN A 136 -1.76 -6.07 12.62
CA GLN A 136 -1.45 -7.40 12.11
C GLN A 136 -2.67 -8.12 11.57
N SER A 137 -3.83 -7.86 12.16
CA SER A 137 -5.06 -8.54 11.73
C SER A 137 -5.77 -7.87 10.54
N GLU A 138 -5.12 -6.86 9.92
CA GLU A 138 -5.69 -6.11 8.80
C GLU A 138 -4.88 -6.28 7.52
N LEU A 139 -3.96 -7.21 7.47
N LEU A 139 -4.05 -7.31 7.49
CA LEU A 139 -3.25 -7.42 6.22
CA LEU A 139 -3.04 -7.56 6.47
C LEU A 139 -3.05 -8.93 5.95
C LEU A 139 -3.28 -8.96 5.93
N TYR A 140 -2.84 -9.21 4.69
CA TYR A 140 -2.91 -10.56 4.14
C TYR A 140 -1.79 -10.66 3.10
N PRO A 141 -0.99 -11.70 3.13
CA PRO A 141 0.12 -11.82 2.17
C PRO A 141 -0.37 -12.28 0.81
N ILE A 142 0.06 -11.59 -0.25
CA ILE A 142 -0.19 -12.03 -1.62
C ILE A 142 0.54 -13.35 -1.90
N CYS A 143 -0.15 -14.26 -2.59
CA CYS A 143 0.35 -15.63 -2.67
C CYS A 143 1.63 -15.80 -3.44
N ARG A 144 1.71 -15.17 -4.62
CA ARG A 144 2.90 -15.28 -5.46
C ARG A 144 3.31 -13.89 -5.97
N PRO A 145 3.89 -13.08 -5.09
CA PRO A 145 4.33 -11.77 -5.55
C PRO A 145 5.42 -11.86 -6.60
N LEU A 146 5.57 -10.81 -7.38
CA LEU A 146 6.68 -10.74 -8.30
C LEU A 146 8.01 -10.53 -7.49
N LYS A 147 9.13 -11.02 -8.06
CA LYS A 147 10.42 -10.96 -7.38
CA LYS A 147 10.43 -10.95 -7.37
C LYS A 147 10.80 -9.50 -7.01
N LYS A 148 10.58 -8.59 -7.96
CA LYS A 148 10.63 -7.17 -7.71
C LYS A 148 9.17 -6.78 -7.50
N THR A 149 8.80 -6.58 -6.23
CA THR A 149 7.36 -6.61 -5.83
C THR A 149 6.54 -5.49 -6.42
N TRP A 150 7.21 -4.38 -6.77
CA TRP A 150 6.56 -3.21 -7.37
C TRP A 150 6.19 -3.34 -8.86
N GLU A 151 6.66 -4.42 -9.51
CA GLU A 151 6.51 -4.48 -11.00
C GLU A 151 5.12 -4.73 -11.48
N ASP A 152 4.18 -5.04 -10.58
CA ASP A 152 2.75 -5.14 -10.91
C ASP A 152 1.90 -3.97 -10.39
N ILE A 153 2.56 -2.85 -10.03
CA ILE A 153 1.82 -1.64 -9.67
C ILE A 153 1.54 -0.90 -10.98
N GLU A 154 0.26 -0.73 -11.30
CA GLU A 154 -0.19 -0.18 -12.58
CA GLU A 154 -0.13 -0.22 -12.61
C GLU A 154 0.14 1.29 -12.75
N ASP A 155 -0.03 2.05 -11.68
CA ASP A 155 0.22 3.49 -11.77
C ASP A 155 1.73 3.74 -11.78
N ILE A 156 2.26 4.34 -12.85
CA ILE A 156 3.71 4.41 -13.06
C ILE A 156 4.37 5.31 -11.97
N SER A 157 3.71 6.38 -11.54
CA SER A 157 4.24 7.25 -10.48
C SER A 157 4.39 6.46 -9.16
N CYS A 158 3.39 5.62 -8.85
CA CYS A 158 3.42 4.80 -7.65
CA CYS A 158 3.47 4.82 -7.60
C CYS A 158 4.51 3.73 -7.76
N ARG A 159 4.56 3.07 -8.90
CA ARG A 159 5.51 2.05 -9.15
C ARG A 159 6.93 2.57 -8.98
N ASP A 160 7.20 3.71 -9.61
CA ASP A 160 8.50 4.36 -9.49
C ASP A 160 8.89 4.72 -8.07
N PHE A 161 7.93 5.26 -7.34
CA PHE A 161 8.14 5.67 -5.99
C PHE A 161 8.50 4.46 -5.13
N ILE A 162 7.71 3.38 -5.27
CA ILE A 162 7.98 2.20 -4.43
C ILE A 162 9.33 1.58 -4.76
N GLU A 163 9.70 1.48 -6.05
CA GLU A 163 11.00 0.94 -6.38
C GLU A 163 12.13 1.75 -5.67
N GLU A 164 12.01 3.08 -5.75
CA GLU A 164 13.03 3.95 -5.11
C GLU A 164 13.05 3.77 -3.61
N TYR A 165 11.87 3.72 -3.01
CA TYR A 165 11.77 3.59 -1.56
C TYR A 165 12.34 2.25 -1.07
N VAL A 166 11.91 1.16 -1.71
CA VAL A 166 12.33 -0.16 -1.23
C VAL A 166 13.85 -0.31 -1.43
N THR A 167 14.35 0.15 -2.57
CA THR A 167 15.75 0.02 -2.88
C THR A 167 16.63 0.85 -1.91
N ALA A 168 16.16 2.00 -1.49
CA ALA A 168 16.90 2.88 -0.61
C ALA A 168 16.82 2.46 0.87
N TYR A 169 15.81 1.72 1.24
CA TYR A 169 15.58 1.34 2.59
C TYR A 169 16.84 0.64 3.17
N PRO A 170 17.27 0.99 4.36
CA PRO A 170 16.62 1.76 5.38
C PRO A 170 17.00 3.26 5.44
N ASN A 171 17.59 3.83 4.39
CA ASN A 171 17.94 5.26 4.35
C ASN A 171 16.65 6.01 3.96
N ARG A 172 16.04 6.62 4.96
CA ARG A 172 14.76 7.31 4.83
C ARG A 172 14.87 8.75 5.35
N PRO A 173 15.26 9.67 4.47
CA PRO A 173 15.25 11.07 4.93
C PRO A 173 13.83 11.52 5.25
N MET A 174 13.61 12.12 6.41
CA MET A 174 12.30 12.65 6.77
C MET A 174 12.46 14.01 7.38
N VAL A 175 11.37 14.77 7.34
CA VAL A 175 11.25 16.06 8.04
CA VAL A 175 11.36 16.01 8.10
C VAL A 175 10.66 15.89 9.41
N LEU A 176 11.24 16.62 10.39
CA LEU A 176 10.71 16.71 11.71
C LEU A 176 9.70 17.86 11.70
N LEU A 177 8.47 17.51 11.97
CA LEU A 177 7.35 18.45 12.02
C LEU A 177 6.68 18.38 13.38
N LYS A 178 6.17 19.53 13.81
CA LYS A 178 5.43 19.63 15.07
CA LYS A 178 5.48 19.71 15.07
C LYS A 178 3.98 20.08 14.84
N SER A 179 3.05 19.61 15.69
CA SER A 179 1.66 20.09 15.67
CA SER A 179 1.65 20.08 15.63
C SER A 179 1.65 21.59 15.70
N GLY A 180 0.84 22.21 14.85
CA GLY A 180 0.71 23.64 14.76
C GLY A 180 1.61 24.33 13.74
N GLN A 181 2.61 23.59 13.25
CA GLN A 181 3.56 24.14 12.27
C GLN A 181 2.83 24.35 10.94
N LEU A 182 3.18 25.44 10.28
CA LEU A 182 2.63 25.85 8.99
C LEU A 182 3.67 25.59 7.91
N ILE A 183 3.24 24.84 6.87
CA ILE A 183 4.04 24.54 5.74
C ILE A 183 3.18 24.55 4.46
N LYS A 184 3.83 24.58 3.29
CA LYS A 184 3.15 24.29 2.05
C LYS A 184 3.19 22.79 1.79
N THR A 185 2.05 22.27 1.35
CA THR A 185 1.91 20.86 0.94
C THR A 185 1.35 20.79 -0.45
N GLU A 186 1.95 20.00 -1.30
CA GLU A 186 1.51 19.83 -2.67
C GLU A 186 0.28 18.94 -2.74
N ALA A 187 -0.62 19.29 -3.67
CA ALA A 187 -1.69 18.40 -4.12
C ALA A 187 -2.17 18.84 -5.48
N GLU A 188 -2.26 17.85 -6.35
CA GLU A 188 -2.79 18.03 -7.71
C GLU A 188 -2.10 19.17 -8.48
N GLY A 189 -0.79 19.31 -8.32
CA GLY A 189 0.03 20.26 -9.07
C GLY A 189 0.19 21.65 -8.48
N THR A 190 -0.54 21.90 -7.41
CA THR A 190 -0.53 23.17 -6.68
C THR A 190 0.10 22.99 -5.27
N TRP A 191 0.82 24.01 -4.83
CA TRP A 191 1.38 24.05 -3.45
C TRP A 191 0.42 24.84 -2.57
N TRP A 192 -0.13 24.24 -1.53
CA TRP A 192 -1.18 24.78 -0.72
C TRP A 192 -0.72 25.15 0.68
N LYS A 193 -1.17 26.27 1.21
CA LYS A 193 -1.00 26.60 2.64
C LYS A 193 -1.62 25.46 3.44
N SER A 194 -0.90 25.00 4.45
CA SER A 194 -1.37 23.88 5.25
C SER A 194 -0.81 23.96 6.69
N ARG A 195 -1.32 23.09 7.55
CA ARG A 195 -0.97 23.06 8.94
C ARG A 195 -0.81 21.62 9.38
N VAL A 196 0.23 21.39 10.20
CA VAL A 196 0.46 20.07 10.76
C VAL A 196 -0.50 19.89 11.98
N GLU A 197 -1.43 18.94 11.87
CA GLU A 197 -2.39 18.69 12.94
C GLU A 197 -1.93 17.66 13.95
N GLU A 198 -1.13 16.69 13.52
CA GLU A 198 -0.84 15.50 14.32
C GLU A 198 0.33 14.79 13.69
N VAL A 199 1.18 14.19 14.53
CA VAL A 199 2.27 13.35 14.05
C VAL A 199 1.99 11.92 14.55
N ASP A 200 2.13 10.91 13.68
CA ASP A 200 1.99 9.53 14.10
C ASP A 200 3.08 8.71 13.41
N GLY A 201 4.16 8.45 14.12
CA GLY A 201 5.21 7.68 13.54
C GLY A 201 5.73 8.40 12.30
N SER A 202 5.80 7.69 11.18
CA SER A 202 6.32 8.24 9.94
C SER A 202 5.28 9.02 9.12
N LEU A 203 4.07 9.22 9.69
CA LEU A 203 3.02 9.96 9.01
C LEU A 203 2.72 11.27 9.75
N VAL A 204 2.29 12.25 8.96
N VAL A 204 2.34 12.30 8.98
CA VAL A 204 1.80 13.53 9.50
CA VAL A 204 1.78 13.55 9.53
C VAL A 204 0.41 13.79 8.94
C VAL A 204 0.43 13.84 8.95
N ARG A 205 -0.51 14.28 9.80
CA ARG A 205 -1.86 14.67 9.38
C ARG A 205 -1.82 16.15 9.03
N ILE A 206 -1.96 16.43 7.74
CA ILE A 206 -1.91 17.78 7.19
C ILE A 206 -3.34 18.30 6.96
N LEU A 207 -3.64 19.47 7.52
CA LEU A 207 -4.85 20.20 7.22
C LEU A 207 -4.55 21.17 6.09
N PHE A 208 -5.25 21.03 4.97
CA PHE A 208 -5.19 22.03 3.86
C PHE A 208 -6.09 23.18 4.25
N LEU A 209 -5.49 24.38 4.35
CA LEU A 209 -6.17 25.51 5.00
C LEU A 209 -7.23 26.17 4.13
N ASP A 210 -7.13 26.10 2.78
CA ASP A 210 -8.15 26.77 1.92
C ASP A 210 -9.45 25.93 1.88
N ASP A 211 -9.30 24.61 1.59
CA ASP A 211 -10.31 23.39 1.70
C ASP A 211 -10.85 22.91 3.04
N LYS A 212 -10.00 22.88 4.09
CA LYS A 212 -10.24 22.36 5.42
C LYS A 212 -10.30 20.81 5.46
N ARG A 213 -9.71 20.16 4.47
CA ARG A 213 -9.64 18.66 4.48
C ARG A 213 -8.26 18.27 5.02
N CYS A 214 -8.20 17.07 5.59
CA CYS A 214 -6.99 16.52 6.10
C CYS A 214 -6.53 15.34 5.25
N GLU A 215 -5.22 15.14 5.26
CA GLU A 215 -4.58 13.98 4.60
C GLU A 215 -3.38 13.54 5.45
N TRP A 216 -3.24 12.24 5.61
CA TRP A 216 -2.05 11.65 6.24
C TRP A 216 -0.99 11.46 5.16
N ILE A 217 0.19 12.05 5.38
CA ILE A 217 1.26 12.03 4.41
C ILE A 217 2.56 11.53 5.06
N TYR A 218 3.28 10.73 4.30
CA TYR A 218 4.57 10.20 4.74
C TYR A 218 5.58 11.36 4.97
N ARG A 219 6.30 11.34 6.10
CA ARG A 219 7.18 12.46 6.46
C ARG A 219 8.43 12.54 5.59
N GLY A 220 8.69 11.48 4.78
CA GLY A 220 9.68 11.55 3.72
C GLY A 220 9.19 11.88 2.35
N SER A 221 7.91 12.26 2.23
CA SER A 221 7.34 12.63 0.91
C SER A 221 7.75 14.04 0.51
N THR A 222 8.17 14.23 -0.75
CA THR A 222 8.50 15.56 -1.27
C THR A 222 7.23 16.37 -1.58
N ARG A 223 6.03 15.86 -1.27
CA ARG A 223 4.84 16.73 -1.21
C ARG A 223 4.88 17.70 -0.08
N LEU A 224 5.67 17.42 0.96
CA LEU A 224 5.85 18.33 2.08
C LEU A 224 6.95 19.31 1.72
N GLU A 225 6.69 20.63 1.76
CA GLU A 225 7.69 21.63 1.33
C GLU A 225 9.08 21.40 1.91
N PRO A 226 9.22 21.19 3.22
CA PRO A 226 10.61 21.10 3.73
C PRO A 226 11.36 19.90 3.16
N MET A 227 10.64 18.85 2.81
CA MET A 227 11.25 17.69 2.20
C MET A 227 11.57 17.96 0.72
N PHE A 228 10.67 18.64 0.01
CA PHE A 228 10.91 19.00 -1.42
C PHE A 228 12.13 19.88 -1.61
N SER A 229 12.23 20.84 -0.72
CA SER A 229 13.25 21.90 -0.79
CA SER A 229 13.26 21.87 -0.84
CA SER A 229 13.26 21.89 -0.83
C SER A 229 14.63 21.31 -0.52
N MET A 230 14.68 20.40 0.44
CA MET A 230 15.92 19.73 0.75
C MET A 230 16.46 18.98 -0.50
N LYS A 231 15.55 18.32 -1.26
CA LYS A 231 15.91 17.42 -2.38
C LYS A 231 16.29 18.24 -3.62
N THR A 232 15.53 19.31 -3.87
CA THR A 232 15.78 20.24 -4.98
C THR A 232 17.23 20.87 -4.91
N SER A 233 17.70 21.15 -3.69
CA SER A 233 19.05 21.70 -3.46
C SER A 233 20.15 20.65 -3.45
N SER A 234 19.83 19.52 -2.79
CA SER A 234 20.73 18.35 -2.70
C SER A 234 21.15 17.84 -4.08
N ALA A 235 20.19 17.85 -4.99
N SER B 7 -9.57 10.36 -1.94
CA SER B 7 -8.90 11.67 -1.82
C SER B 7 -7.38 11.74 -2.00
N THR B 8 -6.69 10.63 -2.09
CA THR B 8 -5.20 10.67 -1.99
C THR B 8 -4.44 11.48 -3.03
N GLY B 9 -3.43 12.23 -2.56
CA GLY B 9 -2.45 12.85 -3.42
C GLY B 9 -1.19 12.06 -3.75
N GLY B 10 -1.13 10.82 -3.25
CA GLY B 10 0.01 10.01 -3.52
C GLY B 10 1.27 10.41 -2.82
N ALA B 12 4.39 11.51 -4.21
CA ALA B 12 5.27 12.52 -4.80
C ALA B 12 4.40 13.52 -5.56
N PRO B 13 4.93 14.76 -5.82
CA PRO B 13 4.12 15.72 -6.51
C PRO B 13 3.73 15.24 -7.86
N ARG B 14 2.54 15.67 -8.26
CA ARG B 14 2.06 15.41 -9.61
C ARG B 14 3.03 15.97 -10.66
N LYS B 15 3.27 15.20 -11.70
#